data_2W57
#
_entry.id   2W57
#
_cell.length_a   88.880
_cell.length_b   88.880
_cell.length_c   85.070
_cell.angle_alpha   90.00
_cell.angle_beta   90.00
_cell.angle_gamma   90.00
#
_symmetry.space_group_name_H-M   'P 43 21 2'
#
loop_
_entity.id
_entity.type
_entity.pdbx_description
1 polymer 'FERRIC UPTAKE REGULATION PROTEIN'
2 non-polymer 'ZINC ION'
3 water water
#
_entity_poly.entity_id   1
_entity_poly.type   'polypeptide(L)'
_entity_poly.pdbx_seq_one_letter_code
;MSDNNQALKDAGLKVTLPRLKILEVLQQPECQHISAEELYKKLIDLGEEIGLATVYRVLNQFDDAGIVTRHHFEGGKSVF
ELSTQHHHDHLVCLDCGEVIEFSDDVIEQRQKEIAAKYNVQLTNHSLYLYGKCGSDGSCKDNPNAHKPKK
;
_entity_poly.pdbx_strand_id   A,B
#
loop_
_chem_comp.id
_chem_comp.type
_chem_comp.name
_chem_comp.formula
ZN non-polymer 'ZINC ION' 'Zn 2'
#
# COMPACT_ATOMS: atom_id res chain seq x y z
N ASP A 3 5.50 -6.92 -30.84
CA ASP A 3 6.68 -6.02 -30.79
C ASP A 3 6.64 -5.07 -29.58
N ASN A 4 7.80 -4.84 -28.95
CA ASN A 4 7.93 -3.91 -27.83
C ASN A 4 7.80 -2.43 -28.19
N ASN A 5 8.08 -2.08 -29.46
CA ASN A 5 7.82 -0.73 -29.95
C ASN A 5 6.34 -0.44 -30.03
N GLN A 6 5.58 -1.41 -30.53
CA GLN A 6 4.15 -1.24 -30.73
C GLN A 6 3.43 -1.04 -29.40
N ALA A 7 3.75 -1.89 -28.42
CA ALA A 7 3.19 -1.77 -27.08
C ALA A 7 3.39 -0.38 -26.49
N LEU A 8 4.61 0.17 -26.61
CA LEU A 8 4.89 1.52 -26.12
C LEU A 8 4.05 2.56 -26.85
N LYS A 9 4.09 2.52 -28.19
CA LYS A 9 3.36 3.47 -29.00
C LYS A 9 1.86 3.35 -28.78
N ASP A 10 1.38 2.12 -28.61
CA ASP A 10 -0.04 1.88 -28.39
C ASP A 10 -0.54 2.29 -27.01
N ALA A 11 0.38 2.61 -26.11
CA ALA A 11 0.04 3.17 -24.80
C ALA A 11 0.19 4.70 -24.78
N GLY A 12 0.39 5.30 -25.95
CA GLY A 12 0.55 6.75 -26.06
C GLY A 12 1.95 7.21 -25.68
N LEU A 13 2.86 6.25 -25.48
CA LEU A 13 4.20 6.57 -25.02
C LEU A 13 5.20 6.51 -26.15
N LYS A 14 5.90 7.62 -26.37
CA LYS A 14 7.03 7.69 -27.31
C LYS A 14 8.07 6.61 -27.02
N VAL A 15 8.62 6.03 -28.08
CA VAL A 15 9.66 4.99 -27.95
C VAL A 15 11.03 5.61 -27.60
N THR A 16 11.63 5.13 -26.51
CA THR A 16 12.98 5.57 -26.07
C THR A 16 13.67 4.34 -25.49
N LEU A 17 15.00 4.39 -25.36
CA LEU A 17 15.77 3.18 -25.05
C LEU A 17 15.63 2.71 -23.62
N PRO A 18 15.71 3.66 -22.63
CA PRO A 18 15.36 3.28 -21.26
C PRO A 18 13.99 2.61 -21.15
N ARG A 19 13.00 3.17 -21.86
CA ARG A 19 11.67 2.59 -21.84
C ARG A 19 11.66 1.14 -22.34
N LEU A 20 12.33 0.88 -23.46
CA LEU A 20 12.42 -0.47 -24.03
C LEU A 20 13.11 -1.49 -23.10
N LYS A 21 14.21 -1.05 -22.51
CA LYS A 21 15.06 -1.87 -21.67
C LYS A 21 14.43 -2.19 -20.35
N ILE A 22 13.61 -1.27 -19.85
CA ILE A 22 12.90 -1.50 -18.60
C ILE A 22 11.70 -2.38 -18.87
N LEU A 23 11.06 -2.22 -20.03
CA LEU A 23 9.93 -3.06 -20.38
C LEU A 23 10.38 -4.50 -20.63
N GLU A 24 11.42 -4.67 -21.43
CA GLU A 24 12.12 -5.94 -21.58
C GLU A 24 12.24 -6.66 -20.22
N VAL A 25 12.79 -5.98 -19.21
CA VAL A 25 12.96 -6.60 -17.92
C VAL A 25 11.64 -7.01 -17.33
N LEU A 26 10.65 -6.13 -17.40
CA LEU A 26 9.32 -6.39 -16.83
C LEU A 26 8.66 -7.65 -17.38
N GLN A 27 9.06 -8.03 -18.60
CA GLN A 27 8.52 -9.21 -19.29
C GLN A 27 9.16 -10.54 -18.93
N GLN A 28 10.30 -10.50 -18.23
CA GLN A 28 11.01 -11.73 -17.86
C GLN A 28 10.20 -12.51 -16.82
N PRO A 29 10.01 -13.82 -17.05
CA PRO A 29 9.16 -14.68 -16.20
C PRO A 29 9.33 -14.44 -14.70
N GLU A 30 10.57 -14.24 -14.28
CA GLU A 30 10.93 -14.12 -12.85
C GLU A 30 10.86 -12.69 -12.32
N CYS A 31 10.48 -11.74 -13.17
CA CYS A 31 10.33 -10.34 -12.77
C CYS A 31 8.86 -9.94 -12.81
N GLN A 32 7.98 -10.92 -12.62
CA GLN A 32 6.55 -10.67 -12.69
C GLN A 32 6.01 -9.69 -11.65
N HIS A 33 6.66 -9.60 -10.48
CA HIS A 33 6.37 -8.63 -9.43
C HIS A 33 7.69 -8.03 -8.99
N ILE A 34 7.86 -6.72 -9.07
CA ILE A 34 9.20 -6.16 -8.90
C ILE A 34 9.18 -4.72 -8.42
N SER A 35 10.08 -4.40 -7.48
CA SER A 35 10.22 -3.03 -7.03
C SER A 35 11.13 -2.28 -7.99
N ALA A 36 11.04 -0.96 -7.96
CA ALA A 36 11.98 -0.10 -8.70
C ALA A 36 13.46 -0.40 -8.39
N GLU A 37 13.75 -0.79 -7.16
CA GLU A 37 15.13 -1.07 -6.73
C GLU A 37 15.62 -2.36 -7.34
N GLU A 38 14.77 -3.38 -7.28
CA GLU A 38 15.13 -4.69 -7.77
C GLU A 38 15.33 -4.58 -9.28
N LEU A 39 14.42 -3.87 -9.92
CA LEU A 39 14.49 -3.62 -11.36
C LEU A 39 15.77 -2.87 -11.77
N TYR A 40 16.14 -1.86 -10.99
CA TYR A 40 17.41 -1.16 -11.16
C TYR A 40 18.59 -2.13 -11.03
N LYS A 41 18.61 -2.94 -9.96
CA LYS A 41 19.68 -3.92 -9.75
C LYS A 41 19.85 -4.95 -10.87
N LYS A 42 18.73 -5.38 -11.45
CA LYS A 42 18.71 -6.30 -12.58
C LYS A 42 19.43 -5.65 -13.76
N LEU A 43 19.04 -4.41 -14.06
CA LEU A 43 19.63 -3.61 -15.09
C LEU A 43 21.14 -3.44 -14.91
N ILE A 44 21.59 -3.28 -13.66
CA ILE A 44 23.04 -3.19 -13.38
C ILE A 44 23.74 -4.49 -13.79
N ASP A 45 23.17 -5.62 -13.38
CA ASP A 45 23.66 -6.96 -13.71
C ASP A 45 23.61 -7.20 -15.20
N LEU A 46 22.70 -6.51 -15.89
CA LEU A 46 22.61 -6.64 -17.34
C LEU A 46 23.59 -5.71 -18.10
N GLY A 47 24.45 -5.02 -17.37
CA GLY A 47 25.46 -4.14 -17.98
C GLY A 47 24.97 -2.74 -18.32
N GLU A 48 23.72 -2.41 -17.98
CA GLU A 48 23.16 -1.07 -18.25
C GLU A 48 23.61 0.00 -17.23
N GLU A 49 23.44 1.28 -17.61
CA GLU A 49 23.77 2.44 -16.76
C GLU A 49 22.54 3.24 -16.33
N ILE A 50 21.34 2.75 -16.60
CA ILE A 50 20.15 3.47 -16.23
C ILE A 50 20.08 3.61 -14.70
N GLY A 51 20.09 4.85 -14.21
CA GLY A 51 20.02 5.11 -12.77
C GLY A 51 18.64 4.80 -12.22
N LEU A 52 18.52 4.79 -10.89
CA LEU A 52 17.27 4.38 -10.25
C LEU A 52 16.16 5.46 -10.40
N ALA A 53 16.56 6.74 -10.51
CA ALA A 53 15.62 7.83 -10.76
C ALA A 53 14.89 7.64 -12.10
N THR A 54 15.62 7.23 -13.13
CA THR A 54 15.02 6.92 -14.45
C THR A 54 14.05 5.76 -14.32
N VAL A 55 14.47 4.70 -13.64
CA VAL A 55 13.63 3.54 -13.37
C VAL A 55 12.32 4.00 -12.76
N TYR A 56 12.40 4.81 -11.72
CA TYR A 56 11.18 5.39 -11.16
C TYR A 56 10.38 6.22 -12.16
N ARG A 57 11.04 7.14 -12.85
CA ARG A 57 10.33 8.03 -13.77
C ARG A 57 9.59 7.16 -14.81
N VAL A 58 10.28 6.15 -15.37
CA VAL A 58 9.68 5.27 -16.37
C VAL A 58 8.52 4.43 -15.81
N LEU A 59 8.71 3.82 -14.64
CA LEU A 59 7.64 3.05 -14.02
C LEU A 59 6.39 3.88 -13.71
N ASN A 60 6.57 5.12 -13.28
CA ASN A 60 5.44 6.06 -13.17
C ASN A 60 4.69 6.32 -14.47
N GLN A 61 5.44 6.53 -15.55
CA GLN A 61 4.88 6.78 -16.88
C GLN A 61 4.14 5.53 -17.34
N PHE A 62 4.71 4.36 -17.05
CA PHE A 62 4.06 3.09 -17.37
C PHE A 62 2.78 2.91 -16.54
N ASP A 63 2.83 3.35 -15.28
CA ASP A 63 1.65 3.30 -14.39
C ASP A 63 0.48 4.09 -14.99
N ASP A 64 0.72 5.36 -15.32
CA ASP A 64 -0.30 6.21 -15.90
C ASP A 64 -0.77 5.75 -17.28
N ALA A 65 0.14 5.20 -18.09
CA ALA A 65 -0.21 4.69 -19.43
C ALA A 65 -0.94 3.33 -19.40
N GLY A 66 -1.09 2.74 -18.22
CA GLY A 66 -1.75 1.44 -18.07
C GLY A 66 -0.90 0.24 -18.43
N ILE A 67 0.40 0.45 -18.64
CA ILE A 67 1.34 -0.64 -18.94
C ILE A 67 1.61 -1.48 -17.69
N VAL A 68 1.75 -0.81 -16.54
CA VAL A 68 1.97 -1.49 -15.27
C VAL A 68 0.93 -1.11 -14.20
N THR A 69 0.87 -1.92 -13.15
CA THR A 69 0.07 -1.62 -11.97
C THR A 69 1.03 -1.49 -10.80
N ARG A 70 0.88 -0.43 -10.01
CA ARG A 70 1.67 -0.26 -8.79
C ARG A 70 0.93 -0.81 -7.57
N HIS A 71 1.63 -1.64 -6.80
CA HIS A 71 1.16 -2.08 -5.49
C HIS A 71 2.03 -1.53 -4.39
N HIS A 72 1.41 -1.00 -3.33
CA HIS A 72 2.16 -0.53 -2.16
C HIS A 72 2.16 -1.58 -1.06
N PHE A 73 3.31 -2.22 -0.83
CA PHE A 73 3.39 -3.31 0.15
C PHE A 73 3.52 -2.79 1.57
N GLU A 74 3.73 -3.71 2.51
CA GLU A 74 3.80 -3.37 3.93
C GLU A 74 4.94 -2.40 4.19
N GLY A 75 4.53 -1.23 4.69
CA GLY A 75 5.45 -0.14 5.01
C GLY A 75 6.66 0.07 4.11
N GLY A 76 6.45 0.69 2.96
CA GLY A 76 7.57 1.20 2.16
C GLY A 76 7.57 0.75 0.72
N LYS A 77 7.77 -0.55 0.52
CA LYS A 77 7.96 -1.13 -0.81
C LYS A 77 6.77 -0.95 -1.78
N SER A 78 7.05 -0.33 -2.94
CA SER A 78 6.18 -0.40 -4.11
C SER A 78 6.72 -1.48 -5.03
N VAL A 79 5.85 -2.39 -5.45
CA VAL A 79 6.20 -3.36 -6.48
C VAL A 79 5.30 -3.17 -7.69
N PHE A 80 5.84 -3.48 -8.85
CA PHE A 80 5.16 -3.28 -10.10
C PHE A 80 5.01 -4.62 -10.82
N GLU A 81 4.05 -4.69 -11.72
CA GLU A 81 3.81 -5.85 -12.55
C GLU A 81 3.11 -5.32 -13.79
N LEU A 82 3.15 -6.10 -14.87
CA LEU A 82 2.44 -5.76 -16.09
C LEU A 82 0.97 -5.97 -15.85
N SER A 83 0.13 -5.11 -16.42
CA SER A 83 -1.33 -5.21 -16.26
C SER A 83 -1.91 -6.50 -16.85
N THR A 84 -3.03 -6.93 -16.28
CA THR A 84 -3.89 -7.97 -16.86
C THR A 84 -5.32 -7.74 -16.36
N GLN A 85 -6.31 -8.17 -17.14
CA GLN A 85 -7.71 -8.21 -16.70
C GLN A 85 -7.91 -9.29 -15.62
N HIS A 86 -7.12 -10.36 -15.69
CA HIS A 86 -7.16 -11.45 -14.71
C HIS A 86 -6.78 -11.00 -13.29
N HIS A 87 -7.81 -10.87 -12.47
CA HIS A 87 -7.71 -10.46 -11.08
C HIS A 87 -6.95 -11.46 -10.23
N HIS A 88 -6.01 -10.96 -9.42
CA HIS A 88 -5.44 -11.76 -8.35
C HIS A 88 -5.14 -10.94 -7.07
N ASP A 89 -4.88 -11.65 -5.98
CA ASP A 89 -4.45 -11.05 -4.74
C ASP A 89 -3.06 -11.60 -4.43
N HIS A 90 -2.46 -11.16 -3.33
CA HIS A 90 -1.05 -11.42 -3.14
C HIS A 90 -0.70 -11.95 -1.78
N LEU A 91 0.13 -12.97 -1.78
CA LEU A 91 0.69 -13.52 -0.58
C LEU A 91 2.17 -13.21 -0.68
N VAL A 92 2.73 -12.60 0.35
CA VAL A 92 4.08 -12.08 0.25
C VAL A 92 4.94 -12.69 1.35
N CYS A 93 6.10 -13.25 0.95
CA CYS A 93 7.09 -13.76 1.91
C CYS A 93 7.91 -12.58 2.37
N LEU A 94 8.06 -12.46 3.68
CA LEU A 94 8.78 -11.36 4.30
C LEU A 94 10.31 -11.57 4.33
N ASP A 95 10.79 -12.63 3.69
CA ASP A 95 12.19 -13.03 3.81
C ASP A 95 12.82 -13.53 2.52
N CYS A 96 11.99 -13.94 1.55
CA CYS A 96 12.50 -14.53 0.32
C CYS A 96 12.28 -13.64 -0.89
N GLY A 97 11.62 -12.51 -0.69
CA GLY A 97 11.23 -11.63 -1.79
C GLY A 97 10.37 -12.37 -2.82
N GLU A 98 9.47 -13.22 -2.32
CA GLU A 98 8.65 -14.10 -3.13
C GLU A 98 7.18 -13.68 -3.03
N VAL A 99 6.52 -13.54 -4.18
CA VAL A 99 5.11 -13.09 -4.24
C VAL A 99 4.22 -14.15 -4.91
N ILE A 100 3.35 -14.78 -4.13
CA ILE A 100 2.40 -15.73 -4.69
C ILE A 100 1.06 -15.05 -5.02
N GLU A 101 0.56 -15.29 -6.22
CA GLU A 101 -0.75 -14.81 -6.64
C GLU A 101 -1.78 -15.86 -6.27
N PHE A 102 -2.95 -15.42 -5.81
CA PHE A 102 -4.07 -16.33 -5.59
C PHE A 102 -5.39 -15.62 -5.88
N SER A 103 -6.44 -16.41 -6.08
CA SER A 103 -7.78 -15.89 -6.26
C SER A 103 -8.80 -16.88 -5.68
N ASP A 104 -9.13 -16.69 -4.41
CA ASP A 104 -10.03 -17.57 -3.70
C ASP A 104 -11.48 -17.16 -3.91
N ASP A 105 -12.32 -18.12 -4.28
CA ASP A 105 -13.76 -17.88 -4.53
C ASP A 105 -14.53 -17.49 -3.26
N VAL A 106 -14.19 -18.13 -2.16
CA VAL A 106 -14.90 -17.92 -0.91
C VAL A 106 -14.64 -16.49 -0.40
N ILE A 107 -13.37 -16.11 -0.38
CA ILE A 107 -12.98 -14.74 -0.05
C ILE A 107 -13.65 -13.76 -1.00
N GLU A 108 -13.54 -13.98 -2.31
CA GLU A 108 -14.18 -13.09 -3.26
C GLU A 108 -15.66 -12.89 -2.92
N GLN A 109 -16.38 -13.98 -2.64
CA GLN A 109 -17.80 -13.93 -2.28
C GLN A 109 -18.08 -13.21 -0.96
N ARG A 110 -17.26 -13.48 0.05
CA ARG A 110 -17.44 -12.88 1.37
C ARG A 110 -17.37 -11.36 1.35
N GLN A 111 -16.41 -10.83 0.58
CA GLN A 111 -16.23 -9.38 0.38
C GLN A 111 -17.53 -8.69 -0.09
N LYS A 112 -18.19 -9.30 -1.08
CA LYS A 112 -19.47 -8.80 -1.62
C LYS A 112 -20.54 -8.71 -0.55
N GLU A 113 -20.56 -9.69 0.35
CA GLU A 113 -21.59 -9.78 1.37
C GLU A 113 -21.34 -8.85 2.54
N ILE A 114 -20.06 -8.67 2.90
CA ILE A 114 -19.68 -7.67 3.90
C ILE A 114 -19.91 -6.27 3.32
N ALA A 115 -19.52 -6.06 2.07
CA ALA A 115 -19.81 -4.80 1.40
C ALA A 115 -21.30 -4.47 1.52
N ALA A 116 -22.15 -5.47 1.34
CA ALA A 116 -23.60 -5.28 1.39
C ALA A 116 -24.21 -5.32 2.79
N LYS A 117 -23.52 -5.94 3.75
CA LYS A 117 -23.88 -5.91 5.17
C LYS A 117 -23.92 -4.46 5.69
N TYR A 118 -22.93 -3.67 5.29
CA TYR A 118 -22.96 -2.22 5.42
C TYR A 118 -23.52 -1.72 4.08
N ASN A 119 -24.01 -0.48 4.02
CA ASN A 119 -24.62 -0.06 2.78
C ASN A 119 -23.59 0.46 1.80
N VAL A 120 -22.70 -0.44 1.40
CA VAL A 120 -21.59 -0.14 0.50
C VAL A 120 -21.65 -0.95 -0.80
N GLN A 121 -21.59 -0.22 -1.90
CA GLN A 121 -21.59 -0.78 -3.23
C GLN A 121 -20.12 -1.03 -3.60
N LEU A 122 -19.73 -2.30 -3.62
CA LEU A 122 -18.32 -2.69 -3.86
C LEU A 122 -17.86 -2.40 -5.28
N THR A 123 -16.73 -1.71 -5.43
CA THR A 123 -16.22 -1.37 -6.77
C THR A 123 -14.82 -1.90 -7.02
N ASN A 124 -14.07 -2.10 -5.94
CA ASN A 124 -12.72 -2.63 -6.02
C ASN A 124 -12.26 -3.04 -4.62
N HIS A 125 -11.22 -3.87 -4.56
CA HIS A 125 -10.59 -4.24 -3.28
C HIS A 125 -9.10 -4.47 -3.47
N SER A 126 -8.36 -4.59 -2.37
CA SER A 126 -6.99 -5.08 -2.44
C SER A 126 -6.69 -5.90 -1.21
N LEU A 127 -6.02 -7.03 -1.41
CA LEU A 127 -5.73 -7.96 -0.30
C LEU A 127 -4.29 -8.43 -0.37
N TYR A 128 -3.57 -8.23 0.75
CA TYR A 128 -2.16 -8.60 0.87
C TYR A 128 -1.94 -9.43 2.12
N LEU A 129 -1.44 -10.64 1.93
CA LEU A 129 -1.12 -11.50 3.06
C LEU A 129 0.40 -11.52 3.19
N TYR A 130 0.91 -11.27 4.39
CA TYR A 130 2.36 -11.30 4.59
C TYR A 130 2.74 -12.41 5.56
N GLY A 131 3.82 -13.13 5.26
CA GLY A 131 4.34 -14.17 6.16
C GLY A 131 5.78 -14.60 5.95
N LYS A 132 6.32 -15.38 6.89
CA LYS A 132 7.69 -15.94 6.80
C LYS A 132 7.72 -17.21 5.93
N CYS A 133 8.63 -17.24 4.97
CA CYS A 133 8.87 -18.44 4.15
C CYS A 133 10.28 -18.95 4.41
N ASP B 3 2.09 7.02 28.25
CA ASP B 3 2.72 8.37 28.24
C ASP B 3 3.32 8.70 26.86
N ASN B 4 2.99 9.89 26.36
CA ASN B 4 3.46 10.35 25.06
C ASN B 4 4.95 10.69 24.97
N ASN B 5 5.46 11.41 25.98
CA ASN B 5 6.88 11.73 26.06
C ASN B 5 7.68 10.44 25.99
N GLN B 6 7.26 9.45 26.77
CA GLN B 6 7.90 8.15 26.83
C GLN B 6 7.81 7.36 25.51
N ALA B 7 6.60 7.27 24.95
CA ALA B 7 6.38 6.60 23.65
C ALA B 7 7.33 7.12 22.56
N LEU B 8 7.50 8.43 22.51
CA LEU B 8 8.42 9.08 21.59
C LEU B 8 9.88 8.69 21.87
N LYS B 9 10.29 8.74 23.14
CA LYS B 9 11.63 8.32 23.55
C LYS B 9 11.85 6.84 23.24
N ASP B 10 10.84 6.01 23.52
CA ASP B 10 10.92 4.57 23.23
C ASP B 10 11.02 4.33 21.73
N ALA B 11 10.60 5.31 20.94
CA ALA B 11 10.67 5.21 19.49
C ALA B 11 12.00 5.78 18.97
N GLY B 12 12.84 6.26 19.88
CA GLY B 12 14.12 6.87 19.53
C GLY B 12 13.95 8.22 18.85
N LEU B 13 12.95 8.99 19.30
CA LEU B 13 12.61 10.27 18.69
C LEU B 13 12.62 11.37 19.72
N LYS B 14 13.18 12.51 19.33
CA LYS B 14 13.29 13.69 20.19
C LYS B 14 11.88 14.19 20.52
N VAL B 15 11.64 14.45 21.80
CA VAL B 15 10.34 14.97 22.26
C VAL B 15 10.23 16.46 21.86
N THR B 16 9.42 16.73 20.84
CA THR B 16 9.17 18.11 20.42
C THR B 16 7.68 18.39 20.56
N LEU B 17 7.32 19.67 20.41
CA LEU B 17 5.92 20.12 20.48
C LEU B 17 5.09 19.62 19.30
N PRO B 18 5.62 19.78 18.06
CA PRO B 18 4.90 19.26 16.90
C PRO B 18 4.65 17.76 16.98
N ARG B 19 5.59 17.00 17.52
CA ARG B 19 5.45 15.56 17.59
C ARG B 19 4.39 15.18 18.62
N LEU B 20 4.32 15.96 19.70
CA LEU B 20 3.33 15.74 20.73
C LEU B 20 1.91 15.95 20.23
N LYS B 21 1.66 17.12 19.65
CA LYS B 21 0.32 17.53 19.20
C LYS B 21 -0.31 16.61 18.14
N ILE B 22 0.53 16.08 17.25
CA ILE B 22 0.11 15.24 16.14
C ILE B 22 -0.21 13.85 16.70
N LEU B 23 0.54 13.48 17.73
CA LEU B 23 0.28 12.25 18.49
C LEU B 23 -1.03 12.36 19.26
N GLU B 24 -1.33 13.55 19.77
CA GLU B 24 -2.57 13.76 20.50
C GLU B 24 -3.78 13.64 19.56
N VAL B 25 -3.69 14.25 18.37
CA VAL B 25 -4.77 14.14 17.40
C VAL B 25 -5.02 12.66 17.06
N LEU B 26 -3.93 11.93 16.82
CA LEU B 26 -4.04 10.54 16.44
C LEU B 26 -4.67 9.71 17.56
N GLN B 27 -4.51 10.16 18.80
CA GLN B 27 -5.07 9.48 19.96
C GLN B 27 -6.53 9.80 20.23
N GLN B 28 -7.12 10.68 19.44
CA GLN B 28 -8.53 11.02 19.63
C GLN B 28 -9.47 10.08 18.87
N PRO B 29 -10.52 9.55 19.55
CA PRO B 29 -11.41 8.52 18.97
C PRO B 29 -11.92 8.83 17.56
N GLU B 30 -12.26 10.09 17.32
CA GLU B 30 -12.89 10.49 16.05
C GLU B 30 -11.89 10.78 14.93
N CYS B 31 -10.60 10.51 15.19
CA CYS B 31 -9.50 10.76 14.24
C CYS B 31 -8.65 9.52 14.13
N GLN B 32 -9.25 8.37 14.41
CA GLN B 32 -8.55 7.10 14.42
C GLN B 32 -7.96 6.71 13.04
N HIS B 33 -8.77 6.84 11.99
CA HIS B 33 -8.24 6.72 10.63
C HIS B 33 -8.21 8.12 10.06
N ILE B 34 -7.03 8.66 9.83
CA ILE B 34 -6.90 10.06 9.36
C ILE B 34 -5.81 10.26 8.32
N SER B 35 -6.11 11.03 7.29
CA SER B 35 -5.09 11.43 6.31
C SER B 35 -4.28 12.62 6.84
N ALA B 36 -3.12 12.90 6.25
CA ALA B 36 -2.29 14.00 6.73
C ALA B 36 -3.00 15.37 6.59
N GLU B 37 -3.76 15.52 5.52
CA GLU B 37 -4.52 16.73 5.25
C GLU B 37 -5.64 16.93 6.30
N GLU B 38 -6.36 15.84 6.60
CA GLU B 38 -7.37 15.84 7.65
C GLU B 38 -6.75 16.21 9.01
N LEU B 39 -5.57 15.65 9.28
CA LEU B 39 -4.88 15.85 10.57
C LEU B 39 -4.37 17.29 10.70
N TYR B 40 -3.79 17.80 9.61
CA TYR B 40 -3.45 19.21 9.49
C TYR B 40 -4.66 20.14 9.77
N LYS B 41 -5.77 19.91 9.06
CA LYS B 41 -6.99 20.72 9.20
C LYS B 41 -7.52 20.71 10.62
N LYS B 42 -7.43 19.56 11.26
CA LYS B 42 -7.83 19.38 12.64
C LYS B 42 -6.97 20.22 13.59
N LEU B 43 -5.66 20.26 13.34
CA LEU B 43 -4.72 21.09 14.12
C LEU B 43 -4.96 22.61 13.92
N ILE B 44 -5.31 23.01 12.69
CA ILE B 44 -5.68 24.40 12.43
C ILE B 44 -6.94 24.74 13.22
N ASP B 45 -7.91 23.81 13.27
CA ASP B 45 -9.15 24.04 14.01
C ASP B 45 -8.93 24.17 15.51
N LEU B 46 -7.89 23.55 16.01
CA LEU B 46 -7.48 23.69 17.41
C LEU B 46 -6.66 24.96 17.59
N GLY B 47 -6.43 25.71 16.51
CA GLY B 47 -5.67 26.94 16.58
C GLY B 47 -4.17 26.74 16.73
N GLU B 48 -3.69 25.55 16.35
CA GLU B 48 -2.25 25.27 16.36
C GLU B 48 -1.59 25.90 15.15
N GLU B 49 -0.27 26.10 15.23
CA GLU B 49 0.49 26.75 14.17
C GLU B 49 1.44 25.78 13.40
N ILE B 50 0.98 24.55 13.24
CA ILE B 50 1.75 23.52 12.56
C ILE B 50 1.39 23.45 11.05
N GLY B 51 2.40 23.58 10.21
CA GLY B 51 2.18 23.59 8.75
C GLY B 51 1.89 22.21 8.22
N LEU B 52 1.32 22.14 7.03
CA LEU B 52 1.08 20.85 6.38
C LEU B 52 2.38 20.05 6.13
N ALA B 53 3.49 20.74 5.91
CA ALA B 53 4.74 20.04 5.60
C ALA B 53 5.22 19.25 6.81
N THR B 54 5.17 19.91 7.97
CA THR B 54 5.56 19.33 9.24
C THR B 54 4.73 18.10 9.52
N VAL B 55 3.44 18.15 9.21
CA VAL B 55 2.56 17.00 9.37
C VAL B 55 3.07 15.85 8.52
N TYR B 56 3.33 16.09 7.23
CA TYR B 56 3.87 15.04 6.37
C TYR B 56 5.16 14.48 6.95
N ARG B 57 6.10 15.35 7.32
CA ARG B 57 7.40 14.88 7.77
C ARG B 57 7.26 14.02 9.04
N VAL B 58 6.54 14.54 10.03
CA VAL B 58 6.39 13.86 11.29
C VAL B 58 5.70 12.53 11.10
N LEU B 59 4.63 12.54 10.31
CA LEU B 59 3.92 11.32 10.04
C LEU B 59 4.86 10.26 9.48
N ASN B 60 5.80 10.68 8.64
CA ASN B 60 6.79 9.75 8.10
C ASN B 60 7.76 9.18 9.13
N GLN B 61 8.19 10.03 10.05
CA GLN B 61 9.06 9.60 11.14
C GLN B 61 8.31 8.58 11.98
N PHE B 62 7.05 8.89 12.28
CA PHE B 62 6.18 7.99 13.05
C PHE B 62 6.09 6.62 12.40
N ASP B 63 5.95 6.63 11.09
CA ASP B 63 5.82 5.43 10.28
C ASP B 63 7.12 4.62 10.35
N ASP B 64 8.24 5.25 10.02
CA ASP B 64 9.56 4.65 10.14
C ASP B 64 9.79 4.10 11.55
N ALA B 65 9.18 4.75 12.54
CA ALA B 65 9.44 4.40 13.93
C ALA B 65 8.42 3.42 14.49
N GLY B 66 7.47 3.00 13.65
CA GLY B 66 6.42 2.06 14.06
C GLY B 66 5.32 2.60 14.99
N ILE B 67 5.28 3.92 15.19
CA ILE B 67 4.22 4.60 15.95
C ILE B 67 2.90 4.58 15.21
N VAL B 68 2.93 4.88 13.90
CA VAL B 68 1.74 4.81 13.02
C VAL B 68 1.84 3.76 11.92
N THR B 69 0.68 3.37 11.42
CA THR B 69 0.59 2.51 10.26
C THR B 69 -0.04 3.32 9.14
N ARG B 70 0.50 3.17 7.93
CA ARG B 70 0.02 3.91 6.77
C ARG B 70 -0.76 2.99 5.85
N HIS B 71 -1.91 3.45 5.35
CA HIS B 71 -2.68 2.65 4.39
C HIS B 71 -2.79 3.42 3.10
N HIS B 72 -2.32 2.82 2.01
CA HIS B 72 -2.45 3.43 0.70
C HIS B 72 -3.77 2.96 0.16
N PHE B 73 -4.66 3.91 -0.10
CA PHE B 73 -6.00 3.65 -0.59
C PHE B 73 -6.14 4.01 -2.07
N GLU B 74 -7.16 3.45 -2.71
CA GLU B 74 -7.42 3.60 -4.16
C GLU B 74 -7.39 5.06 -4.58
N GLY B 75 -6.52 5.38 -5.55
CA GLY B 75 -6.34 6.76 -6.01
C GLY B 75 -5.13 7.50 -5.43
N GLY B 76 -4.35 6.82 -4.59
CA GLY B 76 -3.05 7.32 -4.15
C GLY B 76 -3.03 8.21 -2.91
N LYS B 77 -4.02 8.03 -2.01
CA LYS B 77 -4.05 8.75 -0.74
C LYS B 77 -3.62 7.86 0.41
N SER B 78 -2.97 8.47 1.40
CA SER B 78 -2.51 7.79 2.62
C SER B 78 -3.44 8.12 3.81
N VAL B 79 -3.95 7.08 4.46
CA VAL B 79 -4.66 7.27 5.72
C VAL B 79 -3.79 6.70 6.84
N PHE B 80 -3.73 7.40 7.96
CA PHE B 80 -2.90 6.96 9.07
C PHE B 80 -3.71 6.56 10.29
N GLU B 81 -3.18 5.59 11.04
CA GLU B 81 -3.68 5.24 12.36
C GLU B 81 -2.50 4.84 13.23
N LEU B 82 -2.66 4.98 14.54
CA LEU B 82 -1.67 4.49 15.51
C LEU B 82 -1.55 2.97 15.38
N SER B 83 -0.34 2.44 15.47
CA SER B 83 -0.14 1.00 15.31
C SER B 83 -0.79 0.21 16.43
N THR B 84 -1.46 -0.88 16.06
CA THR B 84 -2.02 -1.82 17.02
C THR B 84 -1.91 -3.25 16.55
N GLN B 85 -2.05 -4.14 17.52
CA GLN B 85 -2.18 -5.54 17.25
C GLN B 85 -3.67 -5.89 17.16
N HIS B 86 -4.53 -4.95 17.56
CA HIS B 86 -5.97 -5.16 17.53
C HIS B 86 -6.50 -5.32 16.09
N HIS B 87 -6.74 -6.57 15.69
CA HIS B 87 -7.15 -6.90 14.33
C HIS B 87 -8.47 -6.28 13.87
N HIS B 88 -8.45 -5.69 12.68
CA HIS B 88 -9.65 -5.16 12.01
C HIS B 88 -9.29 -4.90 10.57
N ASP B 89 -10.26 -4.96 9.67
CA ASP B 89 -10.02 -4.67 8.25
C ASP B 89 -10.91 -3.50 7.82
N HIS B 90 -10.79 -3.11 6.55
CA HIS B 90 -11.26 -1.78 6.14
C HIS B 90 -12.19 -1.76 4.96
N LEU B 91 -13.31 -1.09 5.16
CA LEU B 91 -14.26 -0.79 4.11
C LEU B 91 -14.17 0.71 3.90
N VAL B 92 -13.87 1.13 2.68
CA VAL B 92 -13.56 2.54 2.44
C VAL B 92 -14.50 3.17 1.41
N CYS B 93 -15.27 4.16 1.86
CA CYS B 93 -16.12 4.94 0.98
C CYS B 93 -15.28 5.96 0.21
N LEU B 94 -15.19 5.75 -1.10
CA LEU B 94 -14.51 6.67 -2.02
C LEU B 94 -15.15 8.06 -2.04
N ASP B 95 -16.48 8.11 -1.87
CA ASP B 95 -17.25 9.36 -1.83
C ASP B 95 -17.26 10.06 -0.44
N CYS B 96 -17.76 9.37 0.60
CA CYS B 96 -17.86 9.92 1.96
C CYS B 96 -16.51 10.26 2.57
N GLY B 97 -15.51 9.42 2.30
CA GLY B 97 -14.22 9.52 2.98
C GLY B 97 -14.26 8.95 4.40
N GLU B 98 -15.22 8.05 4.65
CA GLU B 98 -15.26 7.31 5.91
C GLU B 98 -14.62 5.93 5.77
N VAL B 99 -14.10 5.42 6.88
CA VAL B 99 -13.50 4.11 6.96
C VAL B 99 -14.26 3.24 7.97
N ILE B 100 -15.00 2.26 7.48
CA ILE B 100 -15.72 1.31 8.33
C ILE B 100 -14.86 0.08 8.63
N GLU B 101 -14.73 -0.21 9.92
CA GLU B 101 -14.02 -1.41 10.37
C GLU B 101 -14.92 -2.64 10.28
N PHE B 102 -14.30 -3.78 9.93
CA PHE B 102 -15.00 -5.05 9.97
C PHE B 102 -14.01 -6.19 10.24
N SER B 103 -14.56 -7.32 10.67
CA SER B 103 -13.79 -8.54 10.84
C SER B 103 -14.72 -9.69 10.44
N ASP B 104 -14.24 -10.60 9.59
CA ASP B 104 -15.11 -11.69 9.13
C ASP B 104 -14.46 -13.04 9.30
N ASP B 105 -15.08 -13.87 10.14
CA ASP B 105 -14.53 -15.18 10.52
C ASP B 105 -14.09 -16.01 9.33
N VAL B 106 -14.98 -16.15 8.35
CA VAL B 106 -14.76 -16.93 7.13
C VAL B 106 -13.54 -16.45 6.33
N ILE B 107 -13.49 -15.16 5.96
CA ILE B 107 -12.31 -14.59 5.30
C ILE B 107 -11.04 -14.91 6.08
N GLU B 108 -11.04 -14.63 7.40
CA GLU B 108 -9.90 -14.90 8.28
C GLU B 108 -9.47 -16.37 8.27
N GLN B 109 -10.45 -17.27 8.20
CA GLN B 109 -10.21 -18.72 8.10
C GLN B 109 -9.64 -19.14 6.73
N ARG B 110 -10.23 -18.60 5.66
CA ARG B 110 -9.78 -18.91 4.31
C ARG B 110 -8.34 -18.45 4.10
N GLN B 111 -8.01 -17.29 4.65
CA GLN B 111 -6.66 -16.73 4.56
C GLN B 111 -5.63 -17.67 5.18
N LYS B 112 -5.96 -18.22 6.34
CA LYS B 112 -5.09 -19.16 7.04
C LYS B 112 -4.85 -20.41 6.20
N GLU B 113 -5.91 -20.91 5.56
CA GLU B 113 -5.85 -22.12 4.73
C GLU B 113 -4.99 -21.91 3.49
N ILE B 114 -5.08 -20.72 2.89
CA ILE B 114 -4.34 -20.37 1.68
C ILE B 114 -2.82 -20.31 1.90
N ALA B 115 -2.43 -19.66 3.01
CA ALA B 115 -1.02 -19.53 3.40
C ALA B 115 -0.41 -20.88 3.78
N ALA B 116 -1.19 -21.67 4.52
CA ALA B 116 -0.80 -23.03 4.86
C ALA B 116 -0.51 -23.83 3.56
N LYS B 117 -1.41 -23.70 2.59
CA LYS B 117 -1.25 -24.35 1.28
C LYS B 117 0.05 -23.95 0.54
N TYR B 118 0.63 -22.80 0.89
CA TYR B 118 1.89 -22.38 0.26
C TYR B 118 3.04 -22.30 1.28
N ASN B 119 2.82 -22.92 2.43
CA ASN B 119 3.81 -23.00 3.49
C ASN B 119 4.33 -21.64 3.97
N VAL B 120 3.40 -20.70 4.10
CA VAL B 120 3.67 -19.40 4.66
C VAL B 120 3.04 -19.33 6.04
N GLN B 121 3.82 -18.91 7.03
CA GLN B 121 3.28 -18.57 8.32
C GLN B 121 2.88 -17.11 8.26
N LEU B 122 1.58 -16.83 8.31
CA LEU B 122 1.10 -15.46 8.26
C LEU B 122 1.65 -14.66 9.42
N THR B 123 2.17 -13.47 9.14
CA THR B 123 2.58 -12.54 10.20
C THR B 123 1.54 -11.43 10.36
N ASN B 124 1.05 -10.92 9.22
CA ASN B 124 -0.09 -9.99 9.17
C ASN B 124 -0.62 -9.83 7.74
N HIS B 125 -1.62 -8.96 7.59
CA HIS B 125 -2.38 -8.84 6.36
C HIS B 125 -3.16 -7.54 6.33
N SER B 126 -3.40 -7.04 5.13
CA SER B 126 -4.32 -5.93 4.97
C SER B 126 -5.42 -6.28 3.99
N LEU B 127 -6.62 -5.83 4.29
CA LEU B 127 -7.78 -6.03 3.41
C LEU B 127 -8.57 -4.74 3.30
N TYR B 128 -8.46 -4.10 2.14
CA TYR B 128 -9.19 -2.87 1.89
C TYR B 128 -10.25 -3.12 0.83
N LEU B 129 -11.50 -2.94 1.23
CA LEU B 129 -12.61 -3.03 0.33
C LEU B 129 -13.01 -1.59 0.00
N TYR B 130 -13.09 -1.27 -1.28
CA TYR B 130 -13.45 0.07 -1.72
C TYR B 130 -14.84 0.07 -2.29
N GLY B 131 -15.58 1.15 -2.09
CA GLY B 131 -16.94 1.27 -2.60
C GLY B 131 -17.53 2.67 -2.62
N LYS B 132 -18.80 2.75 -3.06
CA LYS B 132 -19.58 3.97 -2.99
C LYS B 132 -20.58 3.89 -1.84
N CYS B 133 -20.80 5.03 -1.18
CA CYS B 133 -21.67 5.13 0.00
C CYS B 133 -22.66 6.28 -0.15
ZN ZN C . -9.34 -10.61 -4.66
ZN ZN D . 0.16 -9.25 -8.97
ZN ZN E . -8.41 -9.50 8.56
ZN ZN F . -7.28 0.59 10.63
#